data_4NQ8
#
_entry.id   4NQ8
#
_cell.length_a   39.004
_cell.length_b   56.352
_cell.length_c   75.609
_cell.angle_alpha   99.210
_cell.angle_beta   92.010
_cell.angle_gamma   106.230
#
_symmetry.space_group_name_H-M   'P 1'
#
loop_
_entity.id
_entity.type
_entity.pdbx_description
1 polymer 'Putative periplasmic substrate-binding transport protein'
2 non-polymer PANTOATE
3 non-polymer 'SULFATE ION'
4 non-polymer 'CHLORIDE ION'
5 water water
#
_entity_poly.entity_id   1
_entity_poly.type   'polypeptide(L)'
_entity_poly.pdbx_seq_one_letter_code
;MRKSWLAAATLAACTVAASLPAAAQTTLKMAYALSTSSHYGAGAEAFAKSIEGASGGKYKVQQFANSALGGEREVIEGLQ
IGTIDLAIVSTGATLNFVPETGVFDIPFLLRDLPHARAVLDSKIGQDMLAKFPDRGIIALAWGEQGFRHLTNNVRPVKTP
ADAKGLKIRTTENPIHITAFRQIGILPTPMAWPEVATALQQGTIDGQENPLSVITSAKLSQLQKYLSLTGHVYGPALVLM
SANVYNGLSDAEKASFKAAGKDSAQAMRAYVDNIEQTGVEQLKKEGMEVSEVDRAAFAAAVEPAYAEYYKKFDKQLIQSI
RDTKAENLYFQGHHHHHHHHHH
;
_entity_poly.pdbx_strand_id   A,B
#
# COMPACT_ATOMS: atom_id res chain seq x y z
N THR A 26 13.44 23.04 -8.58
CA THR A 26 13.16 21.71 -9.08
C THR A 26 12.72 20.82 -7.91
N THR A 27 11.53 20.25 -8.04
CA THR A 27 11.05 19.31 -7.04
C THR A 27 11.29 17.88 -7.53
N LEU A 28 12.08 17.14 -6.78
CA LEU A 28 12.38 15.77 -7.11
C LEU A 28 11.49 14.78 -6.38
N LYS A 29 11.06 13.77 -7.10
CA LYS A 29 10.13 12.79 -6.59
C LYS A 29 10.89 11.61 -6.01
N MET A 30 10.68 11.33 -4.72
CA MET A 30 11.35 10.23 -4.01
C MET A 30 10.34 9.16 -3.55
N ALA A 31 10.51 7.94 -4.06
CA ALA A 31 9.61 6.82 -3.77
C ALA A 31 10.19 5.82 -2.79
N TYR A 32 9.32 5.28 -1.95
CA TYR A 32 9.69 4.19 -1.07
C TYR A 32 8.44 3.41 -0.61
N ALA A 33 8.68 2.22 -0.06
CA ALA A 33 7.62 1.24 0.10
C ALA A 33 6.77 1.39 1.36
N LEU A 34 7.33 1.98 2.41
CA LEU A 34 6.75 1.96 3.72
C LEU A 34 6.28 3.35 4.15
N SER A 35 5.90 3.46 5.43
CA SER A 35 5.31 4.70 5.95
C SER A 35 6.33 5.80 6.17
N THR A 36 5.83 7.02 6.38
CA THR A 36 6.69 8.15 6.65
C THR A 36 7.33 8.03 8.03
N SER A 37 6.77 7.20 8.90
CA SER A 37 7.38 7.03 10.22
C SER A 37 8.33 5.81 10.30
N SER A 38 8.59 5.16 9.16
CA SER A 38 9.47 3.99 9.11
C SER A 38 10.91 4.47 8.95
N HIS A 39 11.84 3.52 8.97
CA HIS A 39 13.22 3.80 8.63
C HIS A 39 13.39 4.43 7.25
N TYR A 40 12.53 4.05 6.29
CA TYR A 40 12.58 4.68 4.94
C TYR A 40 12.16 6.13 5.05
N GLY A 41 11.16 6.42 5.88
CA GLY A 41 10.72 7.78 6.09
C GLY A 41 11.82 8.59 6.71
N ALA A 42 12.57 7.98 7.66
CA ALA A 42 13.63 8.71 8.34
C ALA A 42 14.73 9.01 7.35
N GLY A 43 15.00 8.05 6.50
CA GLY A 43 16.01 8.21 5.47
C GLY A 43 15.61 9.27 4.47
N ALA A 44 14.35 9.29 4.07
CA ALA A 44 13.90 10.26 3.04
C ALA A 44 13.88 11.65 3.62
N GLU A 45 13.46 11.78 4.87
CA GLU A 45 13.44 13.08 5.49
C GLU A 45 14.86 13.65 5.64
N ALA A 46 15.80 12.81 6.03
CA ALA A 46 17.18 13.23 6.17
C ALA A 46 17.76 13.63 4.83
N PHE A 47 17.42 12.88 3.79
CA PHE A 47 17.85 13.24 2.44
C PHE A 47 17.30 14.60 2.07
N ALA A 48 16.02 14.80 2.27
CA ALA A 48 15.36 16.04 1.90
C ALA A 48 15.98 17.25 2.59
N LYS A 49 16.21 17.12 3.90
CA LYS A 49 16.76 18.23 4.66
C LYS A 49 18.18 18.58 4.19
N SER A 50 18.96 17.54 3.94
CA SER A 50 20.32 17.69 3.50
C SER A 50 20.39 18.44 2.15
N ILE A 51 19.65 17.98 1.16
CA ILE A 51 19.80 18.54 -0.19
C ILE A 51 19.11 19.91 -0.24
N GLU A 52 18.02 20.08 0.48
CA GLU A 52 17.38 21.38 0.47
C GLU A 52 18.29 22.43 1.09
N GLY A 53 18.99 22.07 2.16
CA GLY A 53 19.90 23.02 2.79
C GLY A 53 21.09 23.34 1.92
N ALA A 54 21.71 22.30 1.39
CA ALA A 54 22.90 22.44 0.56
C ALA A 54 22.66 23.24 -0.69
N SER A 55 21.46 23.08 -1.25
CA SER A 55 21.14 23.70 -2.54
C SER A 55 20.45 25.05 -2.43
N GLY A 56 20.18 25.50 -1.20
CA GLY A 56 19.47 26.75 -1.01
C GLY A 56 18.05 26.67 -1.56
N GLY A 57 17.48 25.46 -1.59
CA GLY A 57 16.15 25.29 -2.11
C GLY A 57 16.05 25.07 -3.61
N LYS A 58 17.17 25.08 -4.31
CA LYS A 58 17.14 24.79 -5.75
C LYS A 58 16.53 23.43 -6.01
N TYR A 59 16.80 22.50 -5.11
CA TYR A 59 16.22 21.17 -5.18
C TYR A 59 15.39 20.91 -3.92
N LYS A 60 14.13 20.51 -4.12
CA LYS A 60 13.26 20.09 -3.02
C LYS A 60 12.86 18.65 -3.31
N VAL A 61 12.60 17.93 -2.24
CA VAL A 61 12.18 16.55 -2.34
C VAL A 61 10.72 16.40 -1.91
N GLN A 62 9.94 15.73 -2.74
CA GLN A 62 8.57 15.39 -2.43
C GLN A 62 8.53 13.89 -2.29
N GLN A 63 8.02 13.43 -1.16
CA GLN A 63 8.03 12.01 -0.84
C GLN A 63 6.75 11.30 -1.30
N PHE A 64 6.96 10.10 -1.86
CA PHE A 64 5.85 9.20 -2.24
C PHE A 64 6.01 7.90 -1.47
N ALA A 65 5.51 7.93 -0.26
CA ALA A 65 5.59 6.81 0.66
C ALA A 65 4.55 5.73 0.36
N ASN A 66 4.62 4.65 1.13
CA ASN A 66 3.59 3.61 1.16
C ASN A 66 3.34 2.94 -0.20
N SER A 67 4.38 2.81 -1.02
CA SER A 67 4.27 2.06 -2.28
C SER A 67 3.27 2.67 -3.26
N ALA A 68 3.05 3.98 -3.14
CA ALA A 68 2.12 4.67 -4.01
C ALA A 68 2.50 4.54 -5.50
N LEU A 69 3.79 4.45 -5.80
CA LEU A 69 4.20 4.36 -7.19
C LEU A 69 4.53 2.94 -7.63
N GLY A 70 4.16 1.97 -6.80
CA GLY A 70 4.21 0.55 -7.17
C GLY A 70 5.22 -0.22 -6.35
N GLY A 71 5.43 -1.48 -6.72
CA GLY A 71 6.45 -2.28 -6.09
C GLY A 71 7.85 -1.79 -6.35
N GLU A 72 8.79 -2.28 -5.58
CA GLU A 72 10.16 -1.82 -5.76
C GLU A 72 10.71 -2.04 -7.19
N ARG A 73 10.36 -3.13 -7.84
CA ARG A 73 10.80 -3.38 -9.21
C ARG A 73 10.35 -2.22 -10.11
N GLU A 74 9.10 -1.79 -9.98
CA GLU A 74 8.59 -0.71 -10.82
C GLU A 74 9.23 0.62 -10.49
N VAL A 75 9.53 0.82 -9.22
CA VAL A 75 10.21 2.05 -8.80
C VAL A 75 11.62 2.15 -9.43
N ILE A 76 12.35 1.04 -9.43
CA ILE A 76 13.68 1.01 -10.04
C ILE A 76 13.59 1.24 -11.55
N GLU A 77 12.60 0.62 -12.19
CA GLU A 77 12.37 0.85 -13.62
C GLU A 77 12.04 2.32 -13.92
N GLY A 78 11.31 2.96 -13.00
CA GLY A 78 10.99 4.38 -13.09
C GLY A 78 12.22 5.28 -13.01
N LEU A 79 13.20 4.90 -12.19
CA LEU A 79 14.44 5.68 -12.07
C LEU A 79 15.21 5.56 -13.36
N GLN A 80 15.20 4.37 -13.95
CA GLN A 80 15.91 4.19 -15.21
C GLN A 80 15.38 5.09 -16.32
N ILE A 81 14.06 5.23 -16.40
CA ILE A 81 13.43 6.07 -17.42
C ILE A 81 13.44 7.53 -17.08
N GLY A 82 13.52 7.82 -15.79
CA GLY A 82 13.55 9.18 -15.29
C GLY A 82 12.23 9.71 -14.78
N THR A 83 11.18 8.87 -14.79
CA THR A 83 9.88 9.30 -14.28
C THR A 83 9.87 9.41 -12.76
N ILE A 84 10.80 8.72 -12.11
CA ILE A 84 11.03 8.86 -10.68
C ILE A 84 12.46 9.35 -10.50
N ASP A 85 12.70 10.32 -9.61
CA ASP A 85 14.03 10.95 -9.48
C ASP A 85 14.91 10.29 -8.42
N LEU A 86 14.29 9.82 -7.34
CA LEU A 86 15.00 9.27 -6.16
C LEU A 86 14.20 8.12 -5.58
N ALA A 87 14.86 7.23 -4.85
CA ALA A 87 14.19 6.13 -4.18
C ALA A 87 15.07 5.58 -3.08
N ILE A 88 14.41 4.97 -2.10
CA ILE A 88 15.07 4.08 -1.14
C ILE A 88 14.41 2.72 -1.29
N VAL A 89 15.20 1.70 -1.58
CA VAL A 89 14.69 0.36 -1.80
C VAL A 89 15.54 -0.66 -1.03
N SER A 90 14.91 -1.80 -0.73
CA SER A 90 15.65 -2.97 -0.27
C SER A 90 16.45 -3.60 -1.39
N THR A 91 17.19 -4.67 -1.07
CA THR A 91 17.79 -5.52 -2.09
C THR A 91 16.86 -6.64 -2.55
N GLY A 92 15.57 -6.51 -2.26
CA GLY A 92 14.61 -7.50 -2.73
C GLY A 92 14.52 -7.64 -4.24
N ALA A 93 14.57 -6.52 -4.96
CA ALA A 93 14.40 -6.51 -6.42
C ALA A 93 15.60 -6.02 -7.21
N THR A 94 16.70 -5.74 -6.55
CA THR A 94 17.83 -5.07 -7.19
C THR A 94 18.74 -6.03 -7.94
N LEU A 95 18.70 -7.32 -7.62
CA LEU A 95 19.57 -8.26 -8.29
C LEU A 95 19.20 -8.45 -9.75
N ASN A 96 17.95 -8.10 -10.10
CA ASN A 96 17.53 -8.12 -11.50
C ASN A 96 18.21 -7.02 -12.32
N PHE A 97 18.91 -6.12 -11.64
CA PHE A 97 19.58 -4.97 -12.26
C PHE A 97 21.10 -5.05 -12.08
N VAL A 98 21.53 -5.32 -10.85
CA VAL A 98 22.96 -5.49 -10.57
C VAL A 98 23.16 -6.75 -9.72
N PRO A 99 23.27 -7.91 -10.38
CA PRO A 99 23.32 -9.18 -9.64
C PRO A 99 24.55 -9.31 -8.76
N GLU A 100 25.62 -8.59 -9.05
CA GLU A 100 26.87 -8.71 -8.32
C GLU A 100 26.73 -8.41 -6.82
N THR A 101 25.75 -7.59 -6.46
CA THR A 101 25.54 -7.21 -5.06
C THR A 101 24.94 -8.32 -4.23
N GLY A 102 24.57 -9.42 -4.88
CA GLY A 102 23.88 -10.51 -4.22
C GLY A 102 24.71 -11.15 -3.12
N VAL A 103 26.01 -10.96 -3.18
CA VAL A 103 26.88 -11.55 -2.20
C VAL A 103 26.51 -11.07 -0.79
N PHE A 104 26.01 -9.84 -0.66
CA PHE A 104 25.64 -9.30 0.64
C PHE A 104 24.37 -9.95 1.22
N ASP A 105 23.63 -10.63 0.35
CA ASP A 105 22.37 -11.27 0.71
C ASP A 105 22.53 -12.75 1.09
N ILE A 106 23.76 -13.24 1.16
CA ILE A 106 24.01 -14.61 1.64
C ILE A 106 23.79 -14.70 3.15
N PRO A 107 22.87 -15.56 3.59
CA PRO A 107 22.62 -15.66 5.02
C PRO A 107 23.86 -15.88 5.85
N PHE A 108 23.93 -15.13 6.94
CA PHE A 108 24.99 -15.29 7.95
C PHE A 108 26.37 -14.81 7.54
N LEU A 109 26.52 -14.25 6.33
CA LEU A 109 27.84 -13.79 5.87
C LEU A 109 28.24 -12.49 6.57
N LEU A 110 27.35 -11.51 6.48
CA LEU A 110 27.45 -10.31 7.33
C LEU A 110 26.92 -10.67 8.72
N ARG A 111 27.72 -10.50 9.76
CA ARG A 111 27.51 -11.22 10.98
C ARG A 111 26.62 -10.45 11.95
N ASP A 112 26.77 -9.13 11.94
CA ASP A 112 26.09 -8.25 12.87
C ASP A 112 26.13 -6.84 12.32
N LEU A 113 25.52 -5.90 13.02
CA LEU A 113 25.39 -4.56 12.44
C LEU A 113 26.73 -3.89 12.19
N PRO A 114 27.66 -3.95 13.16
CA PRO A 114 28.97 -3.31 12.94
C PRO A 114 29.74 -3.93 11.76
N HIS A 115 29.68 -5.25 11.62
CA HIS A 115 30.34 -5.90 10.50
C HIS A 115 29.71 -5.53 9.16
N ALA A 116 28.38 -5.60 9.08
CA ALA A 116 27.68 -5.26 7.87
C ALA A 116 28.00 -3.84 7.44
N ARG A 117 27.95 -2.92 8.39
CA ARG A 117 28.18 -1.51 8.04
C ARG A 117 29.60 -1.26 7.57
N ALA A 118 30.55 -1.92 8.20
CA ALA A 118 31.95 -1.78 7.85
C ALA A 118 32.16 -2.28 6.43
N VAL A 119 31.55 -3.41 6.09
CA VAL A 119 31.69 -3.98 4.75
C VAL A 119 31.11 -3.05 3.70
N LEU A 120 29.89 -2.60 3.92
CA LEU A 120 29.23 -1.74 2.93
C LEU A 120 29.91 -0.39 2.79
N ASP A 121 30.47 0.15 3.88
CA ASP A 121 31.19 1.42 3.83
C ASP A 121 32.61 1.31 3.26
N SER A 122 33.17 0.10 3.26
CA SER A 122 34.50 -0.14 2.71
C SER A 122 34.50 -0.10 1.18
N LYS A 123 35.68 -0.23 0.59
CA LYS A 123 35.81 -0.32 -0.87
C LYS A 123 35.01 -1.50 -1.46
N ILE A 124 34.80 -2.55 -0.68
CA ILE A 124 33.95 -3.65 -1.16
C ILE A 124 32.55 -3.12 -1.48
N GLY A 125 31.94 -2.42 -0.53
CA GLY A 125 30.61 -1.88 -0.75
C GLY A 125 30.59 -0.75 -1.74
N GLN A 126 31.58 0.14 -1.65
CA GLN A 126 31.59 1.30 -2.53
C GLN A 126 31.83 0.91 -4.00
N ASP A 127 32.67 -0.10 -4.23
CA ASP A 127 32.87 -0.61 -5.58
C ASP A 127 31.55 -1.15 -6.18
N MET A 128 30.68 -1.71 -5.34
CA MET A 128 29.38 -2.19 -5.79
C MET A 128 28.47 -1.04 -6.19
N LEU A 129 28.50 0.07 -5.45
CA LEU A 129 27.69 1.22 -5.86
C LEU A 129 28.09 1.68 -7.27
N ALA A 130 29.38 1.57 -7.61
CA ALA A 130 29.85 2.08 -8.88
C ALA A 130 29.41 1.22 -10.05
N LYS A 131 28.75 0.10 -9.76
CA LYS A 131 28.24 -0.77 -10.83
C LYS A 131 26.86 -0.34 -11.36
N PHE A 132 26.16 0.49 -10.61
CA PHE A 132 24.82 0.86 -11.00
C PHE A 132 24.70 1.74 -12.25
N PRO A 133 25.63 2.70 -12.47
CA PRO A 133 25.43 3.62 -13.60
C PRO A 133 25.37 2.96 -14.98
N ASP A 134 26.05 1.81 -15.13
CA ASP A 134 25.96 1.04 -16.37
C ASP A 134 24.53 0.58 -16.65
N ARG A 135 23.70 0.60 -15.62
CA ARG A 135 22.29 0.22 -15.71
C ARG A 135 21.37 1.45 -15.67
N GLY A 136 21.95 2.64 -15.74
CA GLY A 136 21.13 3.83 -15.83
C GLY A 136 20.64 4.33 -14.49
N ILE A 137 21.27 3.82 -13.44
CA ILE A 137 20.88 4.12 -12.06
C ILE A 137 22.09 4.64 -11.33
N ILE A 138 21.91 5.69 -10.53
CA ILE A 138 22.96 6.11 -9.62
C ILE A 138 22.70 5.62 -8.21
N ALA A 139 23.66 4.87 -7.66
CA ALA A 139 23.54 4.40 -6.28
C ALA A 139 24.36 5.32 -5.35
N LEU A 140 23.67 6.15 -4.61
CA LEU A 140 24.34 7.18 -3.79
C LEU A 140 24.91 6.63 -2.48
N ALA A 141 24.22 5.66 -1.86
CA ALA A 141 24.67 5.12 -0.59
C ALA A 141 23.96 3.81 -0.24
N TRP A 142 24.67 2.98 0.52
CA TRP A 142 24.10 1.86 1.25
C TRP A 142 23.46 2.33 2.56
N GLY A 143 22.13 2.25 2.59
CA GLY A 143 21.36 2.36 3.81
C GLY A 143 21.11 0.99 4.45
N GLU A 144 20.07 0.90 5.25
CA GLU A 144 19.90 -0.27 6.11
C GLU A 144 18.45 -0.52 6.51
N GLN A 145 18.09 -1.80 6.64
CA GLN A 145 16.84 -2.23 7.30
C GLN A 145 17.11 -2.98 8.59
N GLY A 146 18.26 -3.63 8.68
CA GLY A 146 18.58 -4.52 9.81
C GLY A 146 18.45 -6.00 9.49
N PHE A 147 18.64 -6.85 10.47
CA PHE A 147 18.59 -8.29 10.26
C PHE A 147 17.15 -8.80 10.13
N ARG A 148 16.94 -9.63 9.12
CA ARG A 148 15.61 -10.17 8.79
C ARG A 148 15.28 -11.40 9.64
N HIS A 149 14.02 -11.49 10.06
CA HIS A 149 13.51 -12.54 10.97
C HIS A 149 12.32 -13.21 10.35
N LEU A 150 12.13 -14.48 10.69
CA LEU A 150 11.01 -15.29 10.18
C LEU A 150 9.74 -15.15 10.99
N THR A 151 8.64 -14.82 10.31
CA THR A 151 7.32 -14.79 10.94
C THR A 151 6.40 -15.80 10.25
N ASN A 152 5.38 -16.27 10.97
CA ASN A 152 4.35 -17.10 10.33
C ASN A 152 3.06 -17.19 11.14
N ASN A 153 2.06 -17.85 10.59
CA ASN A 153 0.73 -18.00 11.21
C ASN A 153 0.38 -19.40 11.64
N VAL A 154 1.26 -20.35 11.36
CA VAL A 154 0.94 -21.75 11.56
C VAL A 154 1.43 -22.30 12.91
N ARG A 155 2.71 -22.14 13.22
CA ARG A 155 3.30 -22.69 14.44
C ARG A 155 4.59 -22.00 14.84
N PRO A 156 4.95 -22.12 16.12
CA PRO A 156 6.23 -21.53 16.51
C PRO A 156 7.36 -22.27 15.78
N VAL A 157 8.41 -21.53 15.41
CA VAL A 157 9.57 -22.12 14.76
C VAL A 157 10.75 -21.97 15.71
N LYS A 158 11.10 -23.05 16.39
CA LYS A 158 12.18 -23.03 17.37
C LYS A 158 13.46 -23.56 16.77
N THR A 159 13.31 -24.46 15.80
CA THR A 159 14.43 -25.12 15.14
C THR A 159 14.25 -25.10 13.62
N PRO A 160 15.32 -25.36 12.87
CA PRO A 160 15.17 -25.42 11.41
C PRO A 160 14.14 -26.48 10.99
N ALA A 161 14.10 -27.59 11.70
CA ALA A 161 13.13 -28.65 11.38
C ALA A 161 11.71 -28.10 11.39
N ASP A 162 11.43 -27.18 12.32
CA ASP A 162 10.08 -26.65 12.46
C ASP A 162 9.64 -25.86 11.25
N ALA A 163 10.60 -25.35 10.48
CA ALA A 163 10.29 -24.48 9.35
C ALA A 163 9.91 -25.27 8.10
N LYS A 164 10.29 -26.54 8.05
CA LYS A 164 10.08 -27.35 6.86
C LYS A 164 8.58 -27.41 6.53
N GLY A 165 8.25 -27.14 5.29
CA GLY A 165 6.88 -27.25 4.83
C GLY A 165 6.10 -25.95 4.90
N LEU A 166 6.64 -24.94 5.57
CA LEU A 166 5.92 -23.67 5.64
C LEU A 166 5.99 -22.92 4.32
N LYS A 167 4.87 -22.33 3.93
CA LYS A 167 4.81 -21.50 2.74
C LYS A 167 5.19 -20.06 3.11
N ILE A 168 6.43 -19.71 2.85
CA ILE A 168 6.97 -18.41 3.26
C ILE A 168 7.20 -17.52 2.07
N ARG A 169 6.58 -16.34 2.07
CA ARG A 169 6.89 -15.35 1.05
C ARG A 169 8.34 -14.89 1.18
N THR A 170 9.00 -14.78 0.03
CA THR A 170 10.31 -14.19 -0.09
C THR A 170 10.23 -12.98 -0.99
N THR A 171 11.28 -12.15 -0.94
CA THR A 171 11.44 -11.14 -1.99
C THR A 171 11.80 -11.84 -3.29
N GLU A 172 12.02 -11.06 -4.33
CA GLU A 172 12.37 -11.59 -5.63
C GLU A 172 13.86 -12.00 -5.73
N ASN A 173 14.55 -11.95 -4.61
CA ASN A 173 16.01 -12.14 -4.52
C ASN A 173 16.38 -13.63 -4.57
N PRO A 174 17.06 -14.07 -5.64
CA PRO A 174 17.35 -15.49 -5.77
C PRO A 174 18.26 -16.06 -4.67
N ILE A 175 19.06 -15.20 -4.03
CA ILE A 175 20.01 -15.65 -3.01
C ILE A 175 19.20 -16.07 -1.80
N HIS A 176 18.24 -15.24 -1.43
CA HIS A 176 17.30 -15.60 -0.35
C HIS A 176 16.54 -16.88 -0.61
N ILE A 177 16.01 -16.99 -1.82
CA ILE A 177 15.17 -18.14 -2.20
C ILE A 177 15.96 -19.44 -2.08
N THR A 178 17.20 -19.42 -2.53
CA THR A 178 18.08 -20.61 -2.48
C THR A 178 18.32 -21.04 -1.03
N ALA A 179 18.55 -20.06 -0.17
CA ALA A 179 18.78 -20.35 1.25
C ALA A 179 17.57 -21.03 1.90
N PHE A 180 16.40 -20.45 1.68
CA PHE A 180 15.20 -20.95 2.35
C PHE A 180 14.87 -22.36 1.88
N ARG A 181 15.09 -22.65 0.60
CA ARG A 181 14.91 -24.02 0.13
C ARG A 181 15.75 -25.05 0.91
N GLN A 182 16.91 -24.64 1.41
CA GLN A 182 17.79 -25.58 2.11
C GLN A 182 17.19 -26.13 3.39
N ILE A 183 16.33 -25.37 4.07
CA ILE A 183 15.67 -25.88 5.28
C ILE A 183 14.23 -26.32 5.01
N GLY A 184 13.91 -26.50 3.75
CA GLY A 184 12.64 -27.13 3.36
C GLY A 184 11.47 -26.18 3.41
N ILE A 185 11.74 -24.90 3.47
CA ILE A 185 10.69 -23.92 3.36
C ILE A 185 10.21 -23.97 1.91
N LEU A 186 8.93 -23.72 1.71
CA LEU A 186 8.36 -23.61 0.37
C LEU A 186 8.26 -22.13 0.02
N PRO A 187 9.21 -21.62 -0.76
CA PRO A 187 9.16 -20.15 -0.93
C PRO A 187 8.19 -19.69 -2.02
N THR A 188 7.55 -18.55 -1.80
CA THR A 188 6.73 -17.92 -2.84
C THR A 188 7.29 -16.51 -3.02
N PRO A 189 8.09 -16.28 -4.07
CA PRO A 189 8.52 -14.88 -4.28
C PRO A 189 7.35 -13.96 -4.64
N MET A 190 7.29 -12.79 -4.00
CA MET A 190 6.15 -11.90 -4.21
C MET A 190 6.60 -10.48 -3.92
N ALA A 191 6.22 -9.57 -4.80
CA ALA A 191 6.48 -8.16 -4.56
C ALA A 191 5.71 -7.73 -3.32
N TRP A 192 6.19 -6.67 -2.70
CA TRP A 192 5.67 -6.19 -1.41
C TRP A 192 4.17 -5.83 -1.38
N PRO A 193 3.66 -5.14 -2.41
CA PRO A 193 2.24 -4.79 -2.39
C PRO A 193 1.26 -5.97 -2.31
N GLU A 194 1.72 -7.17 -2.69
CA GLU A 194 0.91 -8.39 -2.62
C GLU A 194 0.87 -9.01 -1.22
N VAL A 195 1.82 -8.68 -0.35
CA VAL A 195 2.05 -9.49 0.87
C VAL A 195 0.91 -9.44 1.90
N ALA A 196 0.41 -8.26 2.26
CA ALA A 196 -0.63 -8.19 3.28
C ALA A 196 -1.86 -8.99 2.84
N THR A 197 -2.28 -8.84 1.58
CA THR A 197 -3.46 -9.52 1.10
C THR A 197 -3.25 -11.03 1.15
N ALA A 198 -2.07 -11.50 0.69
CA ALA A 198 -1.80 -12.94 0.67
C ALA A 198 -1.72 -13.51 2.08
N LEU A 199 -1.23 -12.74 3.05
CA LEU A 199 -1.18 -13.24 4.43
C LEU A 199 -2.62 -13.42 4.96
N GLN A 200 -3.49 -12.45 4.68
CA GLN A 200 -4.85 -12.51 5.16
C GLN A 200 -5.60 -13.65 4.51
N GLN A 201 -5.35 -13.89 3.23
CA GLN A 201 -6.01 -14.94 2.50
C GLN A 201 -5.49 -16.33 2.87
N GLY A 202 -4.30 -16.38 3.46
CA GLY A 202 -3.70 -17.64 3.86
C GLY A 202 -3.09 -18.45 2.73
N THR A 203 -2.82 -17.81 1.60
CA THR A 203 -2.15 -18.51 0.51
C THR A 203 -0.63 -18.62 0.78
N ILE A 204 -0.12 -17.76 1.65
CA ILE A 204 1.21 -17.92 2.22
C ILE A 204 1.02 -17.95 3.75
N ASP A 205 1.89 -18.68 4.44
CA ASP A 205 1.81 -18.80 5.88
C ASP A 205 2.60 -17.71 6.60
N GLY A 206 3.62 -17.18 5.94
CA GLY A 206 4.49 -16.23 6.60
C GLY A 206 5.37 -15.48 5.63
N GLN A 207 6.36 -14.82 6.21
CA GLN A 207 7.29 -13.92 5.46
C GLN A 207 8.52 -13.71 6.35
N GLU A 208 9.44 -12.87 5.91
CA GLU A 208 10.61 -12.57 6.72
C GLU A 208 11.06 -11.18 6.44
N ASN A 209 11.40 -10.47 7.51
CA ASN A 209 11.79 -9.06 7.41
C ASN A 209 12.34 -8.61 8.75
N PRO A 210 13.02 -7.45 8.78
CA PRO A 210 13.57 -7.01 10.06
C PRO A 210 12.54 -6.42 11.01
N LEU A 211 12.90 -6.25 12.29
CA LEU A 211 12.03 -5.60 13.28
C LEU A 211 11.51 -4.24 12.79
N SER A 212 12.37 -3.48 12.09
CA SER A 212 11.98 -2.19 11.56
C SER A 212 10.75 -2.30 10.68
N VAL A 213 10.69 -3.32 9.82
CA VAL A 213 9.54 -3.55 8.93
C VAL A 213 8.37 -4.24 9.64
N ILE A 214 8.65 -5.21 10.50
CA ILE A 214 7.56 -5.95 11.16
C ILE A 214 6.73 -4.97 12.02
N THR A 215 7.40 -4.05 12.68
CA THR A 215 6.74 -3.01 13.47
C THR A 215 6.05 -1.98 12.59
N SER A 216 6.80 -1.31 11.70
CA SER A 216 6.21 -0.22 10.93
C SER A 216 5.10 -0.66 9.95
N ALA A 217 5.18 -1.87 9.40
CA ALA A 217 4.18 -2.37 8.48
C ALA A 217 3.02 -3.12 9.15
N LYS A 218 2.95 -3.08 10.49
CA LYS A 218 1.82 -3.61 11.23
C LYS A 218 1.67 -5.12 11.08
N LEU A 219 2.80 -5.80 10.90
CA LEU A 219 2.69 -7.23 10.62
C LEU A 219 2.21 -8.06 11.83
N SER A 220 2.27 -7.54 13.05
CA SER A 220 1.66 -8.26 14.18
C SER A 220 0.16 -8.53 13.96
N GLN A 221 -0.48 -7.74 13.09
CA GLN A 221 -1.89 -7.97 12.79
C GLN A 221 -2.10 -9.07 11.77
N LEU A 222 -1.02 -9.48 11.13
CA LEU A 222 -1.06 -10.45 10.03
C LEU A 222 -0.31 -11.76 10.32
N GLN A 223 0.41 -11.78 11.44
CA GLN A 223 1.34 -12.85 11.80
C GLN A 223 1.30 -13.11 13.30
N LYS A 224 1.10 -14.38 13.68
CA LYS A 224 1.02 -14.78 15.09
C LYS A 224 2.39 -15.00 15.75
N TYR A 225 3.34 -15.50 14.96
CA TYR A 225 4.60 -16.01 15.46
C TYR A 225 5.79 -15.25 14.87
N LEU A 226 6.79 -14.99 15.70
CA LEU A 226 8.06 -14.44 15.28
C LEU A 226 9.19 -15.26 15.88
N SER A 227 10.13 -15.66 15.03
CA SER A 227 11.36 -16.30 15.46
C SER A 227 12.52 -15.38 15.13
N LEU A 228 13.39 -15.15 16.12
CA LEU A 228 14.47 -14.18 15.93
C LEU A 228 15.68 -14.86 15.28
N THR A 229 15.45 -15.36 14.07
CA THR A 229 16.46 -16.05 13.29
C THR A 229 17.64 -15.14 12.88
N GLY A 230 17.34 -13.88 12.60
CA GLY A 230 18.37 -12.92 12.18
C GLY A 230 19.18 -13.55 11.07
N HIS A 231 18.50 -14.16 10.11
CA HIS A 231 19.17 -15.04 9.17
C HIS A 231 19.96 -14.28 8.11
N VAL A 232 19.58 -13.04 7.81
CA VAL A 232 20.37 -12.26 6.87
C VAL A 232 20.25 -10.76 7.14
N TYR A 233 21.37 -10.04 7.03
CA TYR A 233 21.34 -8.58 7.03
C TYR A 233 20.53 -8.08 5.83
N GLY A 234 19.67 -7.10 6.11
CA GLY A 234 18.92 -6.43 5.08
C GLY A 234 19.46 -5.04 4.78
N PRO A 235 20.22 -4.89 3.70
CA PRO A 235 20.64 -3.54 3.31
C PRO A 235 19.49 -2.78 2.66
N ALA A 236 19.71 -1.48 2.44
CA ALA A 236 18.86 -0.69 1.57
C ALA A 236 19.78 0.18 0.72
N LEU A 237 19.26 0.66 -0.40
CA LEU A 237 19.98 1.50 -1.33
C LEU A 237 19.26 2.81 -1.52
N VAL A 238 20.03 3.91 -1.49
CA VAL A 238 19.52 5.22 -1.82
C VAL A 238 19.90 5.45 -3.28
N LEU A 239 18.90 5.54 -4.16
CA LEU A 239 19.10 5.53 -5.60
C LEU A 239 18.62 6.83 -6.21
N MET A 240 19.15 7.16 -7.39
CA MET A 240 18.80 8.40 -8.08
C MET A 240 18.83 8.10 -9.57
N SER A 241 17.98 8.78 -10.31
CA SER A 241 17.99 8.67 -11.75
C SER A 241 19.25 9.30 -12.39
N ALA A 242 19.79 8.61 -13.37
CA ALA A 242 20.87 9.18 -14.17
C ALA A 242 20.42 10.45 -14.87
N ASN A 243 19.15 10.50 -15.27
CA ASN A 243 18.59 11.67 -15.93
C ASN A 243 18.93 12.95 -15.17
N VAL A 244 18.67 12.92 -13.86
CA VAL A 244 18.87 14.11 -13.03
C VAL A 244 20.34 14.28 -12.68
N TYR A 245 20.96 13.21 -12.22
CA TYR A 245 22.33 13.28 -11.74
C TYR A 245 23.33 13.76 -12.81
N ASN A 246 23.22 13.23 -14.01
CA ASN A 246 24.11 13.62 -15.11
C ASN A 246 24.01 15.10 -15.43
N GLY A 247 22.85 15.71 -15.17
CA GLY A 247 22.67 17.14 -15.44
C GLY A 247 23.34 18.09 -14.44
N LEU A 248 23.86 17.54 -13.36
CA LEU A 248 24.38 18.35 -12.24
C LEU A 248 25.83 18.77 -12.45
N SER A 249 26.23 19.86 -11.80
CA SER A 249 27.65 20.23 -11.66
C SER A 249 28.36 19.27 -10.71
N ASP A 250 29.69 19.34 -10.69
CA ASP A 250 30.47 18.52 -9.80
C ASP A 250 30.12 18.83 -8.33
N ALA A 251 29.93 20.10 -8.00
CA ALA A 251 29.55 20.45 -6.64
C ALA A 251 28.19 19.88 -6.26
N GLU A 252 27.28 19.89 -7.23
CA GLU A 252 25.92 19.38 -6.99
C GLU A 252 25.95 17.87 -6.87
N LYS A 253 26.73 17.20 -7.70
CA LYS A 253 26.86 15.75 -7.54
C LYS A 253 27.35 15.42 -6.11
N ALA A 254 28.34 16.17 -5.61
CA ALA A 254 28.87 15.92 -4.26
C ALA A 254 27.78 16.13 -3.22
N SER A 255 26.94 17.12 -3.42
CA SER A 255 25.84 17.37 -2.48
C SER A 255 24.81 16.24 -2.48
N PHE A 256 24.54 15.61 -3.62
CA PHE A 256 23.62 14.44 -3.60
C PHE A 256 24.25 13.21 -2.96
N LYS A 257 25.55 13.03 -3.16
CA LYS A 257 26.24 11.95 -2.46
C LYS A 257 26.21 12.22 -0.96
N ALA A 258 26.40 13.48 -0.54
CA ALA A 258 26.37 13.80 0.88
C ALA A 258 24.97 13.54 1.49
N ALA A 259 23.92 13.88 0.75
CA ALA A 259 22.57 13.68 1.22
C ALA A 259 22.31 12.18 1.30
N GLY A 260 22.91 11.41 0.41
CA GLY A 260 22.81 9.97 0.45
C GLY A 260 23.39 9.38 1.72
N LYS A 261 24.56 9.88 2.08
CA LYS A 261 25.22 9.49 3.31
C LYS A 261 24.39 9.89 4.55
N ASP A 262 23.81 11.10 4.55
CA ASP A 262 22.97 11.53 5.67
C ASP A 262 21.72 10.64 5.80
N SER A 263 21.14 10.25 4.65
CA SER A 263 20.01 9.32 4.59
C SER A 263 20.37 7.96 5.18
N ALA A 264 21.50 7.39 4.76
CA ALA A 264 22.01 6.13 5.29
C ALA A 264 22.22 6.17 6.81
N GLN A 265 22.82 7.24 7.31
CA GLN A 265 23.03 7.40 8.73
C GLN A 265 21.70 7.46 9.49
N ALA A 266 20.70 8.09 8.90
CA ALA A 266 19.42 8.23 9.58
C ALA A 266 18.73 6.87 9.68
N MET A 267 18.88 6.07 8.63
CA MET A 267 18.32 4.72 8.62
C MET A 267 19.01 3.86 9.67
N ARG A 268 20.34 3.91 9.74
CA ARG A 268 21.09 3.14 10.73
C ARG A 268 20.69 3.57 12.14
N ALA A 269 20.53 4.88 12.38
CA ALA A 269 20.13 5.32 13.72
C ALA A 269 18.70 4.83 14.09
N TYR A 270 17.80 4.83 13.12
CA TYR A 270 16.45 4.31 13.33
C TYR A 270 16.52 2.85 13.73
N VAL A 271 17.35 2.09 13.03
CA VAL A 271 17.48 0.65 13.26
C VAL A 271 18.08 0.45 14.67
N ASP A 272 19.13 1.20 15.02
CA ASP A 272 19.73 1.07 16.36
C ASP A 272 18.66 1.21 17.45
N ASN A 273 17.72 2.12 17.22
CA ASN A 273 16.70 2.39 18.19
C ASN A 273 15.62 1.30 18.22
N ILE A 274 15.13 0.87 17.06
CA ILE A 274 14.04 -0.13 17.03
C ILE A 274 14.57 -1.50 17.45
N GLU A 275 15.88 -1.73 17.33
CA GLU A 275 16.44 -3.00 17.79
C GLU A 275 16.34 -3.08 19.31
N GLN A 276 16.28 -1.95 19.99
CA GLN A 276 16.17 -1.97 21.45
C GLN A 276 14.75 -2.17 21.94
N THR A 277 13.77 -1.70 21.16
CA THR A 277 12.39 -1.66 21.63
C THR A 277 11.43 -2.58 20.88
N GLY A 278 11.87 -3.13 19.75
CA GLY A 278 10.99 -3.76 18.82
C GLY A 278 10.32 -5.02 19.32
N VAL A 279 11.08 -5.90 19.97
CA VAL A 279 10.48 -7.15 20.44
C VAL A 279 9.43 -6.89 21.51
N GLU A 280 9.73 -5.95 22.40
CA GLU A 280 8.80 -5.58 23.46
C GLU A 280 7.50 -5.06 22.83
N GLN A 281 7.65 -4.19 21.84
CA GLN A 281 6.51 -3.64 21.10
C GLN A 281 5.64 -4.76 20.50
N LEU A 282 6.29 -5.70 19.83
CA LEU A 282 5.59 -6.78 19.16
C LEU A 282 4.89 -7.75 20.13
N LYS A 283 5.54 -8.03 21.24
CA LYS A 283 4.89 -8.80 22.29
C LYS A 283 3.63 -8.07 22.81
N LYS A 284 3.74 -6.76 23.03
CA LYS A 284 2.60 -5.98 23.50
C LYS A 284 1.44 -6.07 22.51
N GLU A 285 1.78 -6.16 21.23
CA GLU A 285 0.80 -6.21 20.17
C GLU A 285 0.24 -7.62 20.01
N GLY A 286 0.78 -8.59 20.74
CA GLY A 286 0.22 -9.92 20.78
C GLY A 286 0.99 -11.02 20.06
N MET A 287 2.19 -10.70 19.57
CA MET A 287 2.99 -11.70 18.86
C MET A 287 3.63 -12.65 19.85
N GLU A 288 3.73 -13.91 19.47
CA GLU A 288 4.48 -14.89 20.26
C GLU A 288 5.88 -14.99 19.69
N VAL A 289 6.86 -14.55 20.49
CA VAL A 289 8.22 -14.36 19.99
C VAL A 289 9.11 -15.45 20.57
N SER A 290 9.84 -16.12 19.69
CA SER A 290 10.77 -17.15 20.09
C SER A 290 12.21 -16.75 19.75
N GLU A 291 13.11 -16.88 20.72
CA GLU A 291 14.54 -16.88 20.40
C GLU A 291 14.85 -18.28 19.83
N VAL A 292 15.90 -18.37 19.01
CA VAL A 292 16.31 -19.64 18.42
C VAL A 292 17.82 -19.78 18.54
N ASP A 293 18.30 -20.98 18.24
CA ASP A 293 19.74 -21.22 18.15
C ASP A 293 20.19 -20.88 16.74
N ARG A 294 20.74 -19.69 16.54
CA ARG A 294 21.06 -19.23 15.20
C ARG A 294 22.14 -20.06 14.54
N ALA A 295 23.05 -20.62 15.33
CA ALA A 295 24.07 -21.50 14.80
C ALA A 295 23.46 -22.72 14.11
N ALA A 296 22.34 -23.24 14.64
CA ALA A 296 21.65 -24.35 14.00
C ALA A 296 21.10 -23.93 12.64
N PHE A 297 20.53 -22.73 12.55
CA PHE A 297 20.03 -22.24 11.27
C PHE A 297 21.16 -21.99 10.27
N ALA A 298 22.28 -21.43 10.73
CA ALA A 298 23.40 -21.15 9.86
C ALA A 298 23.98 -22.46 9.30
N ALA A 299 24.04 -23.48 10.15
CA ALA A 299 24.55 -24.76 9.69
C ALA A 299 23.60 -25.40 8.68
N ALA A 300 22.31 -25.25 8.90
CA ALA A 300 21.32 -25.81 8.01
C ALA A 300 21.33 -25.18 6.62
N VAL A 301 21.62 -23.89 6.53
CA VAL A 301 21.58 -23.22 5.22
C VAL A 301 22.94 -23.19 4.49
N GLU A 302 24.00 -23.58 5.16
CA GLU A 302 25.36 -23.50 4.59
C GLU A 302 25.54 -24.30 3.29
N PRO A 303 24.82 -25.43 3.11
CA PRO A 303 25.08 -26.13 1.84
C PRO A 303 24.72 -25.33 0.58
N ALA A 304 23.98 -24.24 0.74
CA ALA A 304 23.66 -23.36 -0.37
C ALA A 304 24.89 -22.71 -0.98
N TYR A 305 26.02 -22.79 -0.29
CA TYR A 305 27.24 -22.22 -0.84
C TYR A 305 27.61 -22.94 -2.13
N ALA A 306 27.08 -24.14 -2.35
CA ALA A 306 27.33 -24.82 -3.62
C ALA A 306 26.78 -24.00 -4.78
N GLU A 307 25.67 -23.34 -4.53
CA GLU A 307 25.04 -22.46 -5.51
C GLU A 307 25.71 -21.10 -5.53
N TYR A 308 26.05 -20.59 -4.35
CA TYR A 308 26.58 -19.23 -4.25
C TYR A 308 27.92 -19.15 -4.96
N TYR A 309 28.71 -20.21 -4.90
CA TYR A 309 30.03 -20.21 -5.51
C TYR A 309 29.96 -20.32 -7.03
N LYS A 310 28.77 -20.58 -7.57
CA LYS A 310 28.56 -20.53 -9.03
C LYS A 310 28.30 -19.10 -9.49
N LYS A 311 27.95 -18.23 -8.54
CA LYS A 311 27.63 -16.84 -8.85
C LYS A 311 28.69 -15.83 -8.40
N PHE A 312 29.39 -16.12 -7.28
CA PHE A 312 30.30 -15.17 -6.68
C PHE A 312 31.68 -15.75 -6.46
N ASP A 313 32.66 -14.87 -6.61
CA ASP A 313 34.06 -15.22 -6.38
C ASP A 313 34.33 -15.56 -4.90
N LYS A 314 34.98 -16.70 -4.67
CA LYS A 314 35.29 -17.16 -3.32
C LYS A 314 36.19 -16.17 -2.58
N GLN A 315 37.07 -15.48 -3.31
CA GLN A 315 37.98 -14.58 -2.64
C GLN A 315 37.25 -13.32 -2.15
N LEU A 316 36.27 -12.85 -2.92
CA LEU A 316 35.42 -11.75 -2.49
C LEU A 316 34.64 -12.11 -1.21
N ILE A 317 34.11 -13.32 -1.16
CA ILE A 317 33.42 -13.78 0.04
C ILE A 317 34.35 -13.81 1.25
N GLN A 318 35.58 -14.30 1.08
CA GLN A 318 36.55 -14.29 2.18
C GLN A 318 36.92 -12.87 2.61
N SER A 319 37.07 -11.94 1.66
CA SER A 319 37.38 -10.55 1.99
C SER A 319 36.28 -9.92 2.82
N ILE A 320 35.03 -10.29 2.53
CA ILE A 320 33.92 -9.80 3.30
C ILE A 320 34.03 -10.37 4.72
N ARG A 321 34.28 -11.67 4.84
CA ARG A 321 34.38 -12.29 6.16
C ARG A 321 35.43 -11.56 7.01
N ASP A 322 36.52 -11.19 6.37
CA ASP A 322 37.68 -10.70 7.12
C ASP A 322 37.69 -9.18 7.33
N THR A 323 36.70 -8.50 6.76
CA THR A 323 36.55 -7.07 7.00
C THR A 323 36.27 -6.85 8.48
N LYS A 324 37.02 -5.94 9.10
CA LYS A 324 36.88 -5.71 10.53
C LYS A 324 35.88 -4.60 10.86
N ALA A 325 35.19 -4.82 11.98
CA ALA A 325 34.61 -3.77 12.82
C ALA A 325 33.11 -3.93 12.89
N GLN B 25 -7.32 1.62 28.80
CA GLN B 25 -8.20 1.94 27.68
C GLN B 25 -8.29 0.73 26.74
N THR B 26 -9.42 0.60 26.05
CA THR B 26 -9.59 -0.48 25.12
C THR B 26 -9.31 0.03 23.72
N THR B 27 -8.35 -0.59 23.04
CA THR B 27 -7.94 -0.16 21.72
C THR B 27 -8.76 -0.86 20.62
N LEU B 28 -9.41 -0.05 19.79
CA LEU B 28 -10.14 -0.54 18.64
C LEU B 28 -9.34 -0.27 17.39
N LYS B 29 -9.26 -1.28 16.53
CA LYS B 29 -8.43 -1.22 15.33
C LYS B 29 -9.29 -0.81 14.15
N MET B 30 -8.93 0.28 13.47
CA MET B 30 -9.70 0.79 12.33
C MET B 30 -8.85 0.81 11.05
N ALA B 31 -9.28 0.06 10.04
CA ALA B 31 -8.54 -0.11 8.80
C ALA B 31 -9.15 0.65 7.62
N TYR B 32 -8.31 1.16 6.74
CA TYR B 32 -8.78 1.77 5.51
C TYR B 32 -7.64 1.78 4.49
N ALA B 33 -8.00 2.08 3.24
CA ALA B 33 -7.11 1.84 2.11
C ALA B 33 -6.06 2.92 1.84
N LEU B 34 -6.39 4.15 2.21
CA LEU B 34 -5.69 5.32 1.72
C LEU B 34 -4.92 6.02 2.83
N SER B 35 -4.33 7.18 2.52
CA SER B 35 -3.48 7.85 3.50
C SER B 35 -4.26 8.52 4.61
N THR B 36 -3.55 8.89 5.67
CA THR B 36 -4.15 9.60 6.77
C THR B 36 -4.65 11.00 6.38
N SER B 37 -4.18 11.57 5.28
CA SER B 37 -4.68 12.88 4.85
C SER B 37 -5.77 12.77 3.80
N SER B 38 -6.22 11.56 3.50
CA SER B 38 -7.28 11.34 2.55
C SER B 38 -8.65 11.55 3.23
N HIS B 39 -9.71 11.45 2.44
CA HIS B 39 -11.07 11.45 2.97
C HIS B 39 -11.32 10.31 3.97
N TYR B 40 -10.67 9.17 3.79
CA TYR B 40 -10.78 8.08 4.75
C TYR B 40 -10.08 8.45 6.04
N GLY B 41 -8.93 9.12 5.93
CA GLY B 41 -8.23 9.61 7.10
C GLY B 41 -9.09 10.60 7.84
N ALA B 42 -9.79 11.46 7.10
CA ALA B 42 -10.66 12.47 7.73
C ALA B 42 -11.80 11.78 8.47
N GLY B 43 -12.38 10.77 7.80
CA GLY B 43 -13.46 10.00 8.40
C GLY B 43 -13.01 9.26 9.64
N ALA B 44 -11.82 8.67 9.59
CA ALA B 44 -11.32 7.88 10.72
C ALA B 44 -10.99 8.75 11.93
N GLU B 45 -10.36 9.89 11.69
CA GLU B 45 -10.06 10.80 12.79
C GLU B 45 -11.34 11.33 13.42
N ALA B 46 -12.34 11.62 12.61
CA ALA B 46 -13.60 12.12 13.18
C ALA B 46 -14.30 11.03 13.99
N PHE B 47 -14.20 9.79 13.53
CA PHE B 47 -14.75 8.66 14.27
C PHE B 47 -14.04 8.56 15.62
N ALA B 48 -12.71 8.59 15.56
CA ALA B 48 -11.88 8.43 16.76
C ALA B 48 -12.22 9.51 17.77
N LYS B 49 -12.22 10.78 17.36
CA LYS B 49 -12.54 11.84 18.31
C LYS B 49 -13.93 11.66 18.93
N SER B 50 -14.88 11.24 18.12
CA SER B 50 -16.26 11.10 18.57
C SER B 50 -16.38 10.03 19.64
N ILE B 51 -15.89 8.83 19.34
CA ILE B 51 -16.04 7.72 20.29
C ILE B 51 -15.15 7.89 21.52
N GLU B 52 -13.96 8.42 21.36
CA GLU B 52 -13.11 8.67 22.50
C GLU B 52 -13.83 9.59 23.50
N GLY B 53 -14.43 10.65 22.96
CA GLY B 53 -15.20 11.58 23.78
C GLY B 53 -16.45 10.98 24.39
N ALA B 54 -17.15 10.15 23.62
CA ALA B 54 -18.45 9.65 24.07
C ALA B 54 -18.29 8.59 25.14
N SER B 55 -17.19 7.86 25.08
CA SER B 55 -16.97 6.73 25.98
C SER B 55 -16.20 7.12 27.23
N GLY B 56 -15.96 8.43 27.41
CA GLY B 56 -15.19 8.90 28.55
C GLY B 56 -13.80 8.31 28.58
N GLY B 57 -13.20 8.12 27.40
CA GLY B 57 -11.82 7.65 27.32
C GLY B 57 -11.71 6.15 27.45
N LYS B 58 -12.84 5.47 27.57
CA LYS B 58 -12.82 4.03 27.60
C LYS B 58 -12.21 3.44 26.33
N TYR B 59 -12.57 3.99 25.17
CA TYR B 59 -12.06 3.51 23.88
C TYR B 59 -11.01 4.42 23.29
N LYS B 60 -10.05 3.81 22.60
CA LYS B 60 -9.02 4.53 21.84
C LYS B 60 -9.02 3.86 20.48
N VAL B 61 -9.04 4.65 19.41
CA VAL B 61 -8.98 4.09 18.06
C VAL B 61 -7.58 4.15 17.55
N GLN B 62 -7.08 3.00 17.09
CA GLN B 62 -5.80 2.92 16.42
C GLN B 62 -6.05 2.74 14.92
N GLN B 63 -5.51 3.65 14.12
CA GLN B 63 -5.70 3.65 12.68
C GLN B 63 -4.64 2.82 11.96
N PHE B 64 -5.14 2.02 11.01
CA PHE B 64 -4.33 1.23 10.10
C PHE B 64 -4.63 1.68 8.68
N ALA B 65 -3.92 2.73 8.26
CA ALA B 65 -4.12 3.35 6.96
C ALA B 65 -3.33 2.63 5.86
N ASN B 66 -3.48 3.09 4.63
CA ASN B 66 -2.58 2.71 3.53
C ASN B 66 -2.61 1.20 3.19
N SER B 67 -3.77 0.58 3.41
CA SER B 67 -3.98 -0.81 3.07
C SER B 67 -3.01 -1.75 3.78
N ALA B 68 -2.54 -1.36 4.96
CA ALA B 68 -1.62 -2.22 5.71
C ALA B 68 -2.22 -3.59 6.01
N LEU B 69 -3.54 -3.64 6.19
CA LEU B 69 -4.14 -4.92 6.55
C LEU B 69 -4.77 -5.64 5.37
N GLY B 70 -4.44 -5.19 4.18
CA GLY B 70 -4.85 -5.90 2.96
C GLY B 70 -5.82 -5.11 2.11
N GLY B 71 -6.28 -5.75 1.05
CA GLY B 71 -7.32 -5.18 0.19
C GLY B 71 -8.61 -5.05 0.95
N GLU B 72 -9.57 -4.32 0.40
CA GLU B 72 -10.85 -4.11 1.11
C GLU B 72 -11.63 -5.40 1.37
N ARG B 73 -11.55 -6.35 0.45
CA ARG B 73 -12.18 -7.65 0.72
C ARG B 73 -11.65 -8.29 2.00
N GLU B 74 -10.33 -8.26 2.22
CA GLU B 74 -9.73 -8.89 3.36
C GLU B 74 -10.08 -8.16 4.64
N VAL B 75 -10.21 -6.85 4.55
CA VAL B 75 -10.58 -6.04 5.70
C VAL B 75 -12.01 -6.37 6.15
N ILE B 76 -12.92 -6.47 5.19
CA ILE B 76 -14.29 -6.86 5.50
C ILE B 76 -14.35 -8.26 6.15
N GLU B 77 -13.58 -9.20 5.63
CA GLU B 77 -13.46 -10.53 6.25
C GLU B 77 -12.91 -10.49 7.68
N GLY B 78 -11.94 -9.61 7.92
CA GLY B 78 -11.44 -9.40 9.26
C GLY B 78 -12.49 -8.84 10.18
N LEU B 79 -13.36 -7.97 9.70
CA LEU B 79 -14.49 -7.53 10.50
C LEU B 79 -15.39 -8.71 10.89
N GLN B 80 -15.67 -9.56 9.93
CA GLN B 80 -16.50 -10.72 10.18
C GLN B 80 -15.99 -11.61 11.30
N ILE B 81 -14.69 -11.85 11.32
CA ILE B 81 -14.11 -12.71 12.33
C ILE B 81 -13.55 -11.98 13.56
N GLY B 82 -13.74 -10.68 13.60
CA GLY B 82 -13.41 -9.88 14.77
C GLY B 82 -11.93 -9.55 14.99
N THR B 83 -11.09 -9.79 13.98
CA THR B 83 -9.69 -9.43 14.11
C THR B 83 -9.47 -7.96 13.83
N ILE B 84 -10.42 -7.35 13.12
CA ILE B 84 -10.42 -5.89 12.89
C ILE B 84 -11.74 -5.39 13.48
N ASP B 85 -11.72 -4.27 14.20
CA ASP B 85 -12.93 -3.75 14.87
C ASP B 85 -13.76 -2.84 13.99
N LEU B 86 -13.10 -1.99 13.21
CA LEU B 86 -13.74 -0.92 12.45
C LEU B 86 -13.07 -0.77 11.08
N ALA B 87 -13.79 -0.26 10.08
CA ALA B 87 -13.20 0.05 8.79
C ALA B 87 -14.00 1.12 8.08
N ILE B 88 -13.36 1.80 7.14
CA ILE B 88 -14.06 2.59 6.15
C ILE B 88 -13.66 2.01 4.82
N VAL B 89 -14.64 1.61 4.02
CA VAL B 89 -14.39 1.00 2.72
C VAL B 89 -15.31 1.57 1.64
N SER B 90 -14.87 1.43 0.38
CA SER B 90 -15.71 1.80 -0.78
C SER B 90 -16.73 0.68 -1.00
N THR B 91 -17.60 0.81 -2.00
CA THR B 91 -18.46 -0.30 -2.37
C THR B 91 -17.78 -1.15 -3.45
N GLY B 92 -16.48 -0.99 -3.60
CA GLY B 92 -15.76 -1.80 -4.57
C GLY B 92 -15.83 -3.29 -4.29
N ALA B 93 -15.82 -3.70 -3.03
CA ALA B 93 -15.81 -5.11 -2.68
C ALA B 93 -17.02 -5.55 -1.85
N THR B 94 -17.89 -4.61 -1.48
CA THR B 94 -18.97 -4.96 -0.57
C THR B 94 -20.09 -5.79 -1.21
N LEU B 95 -20.21 -5.78 -2.54
CA LEU B 95 -21.31 -6.51 -3.16
C LEU B 95 -21.16 -8.03 -3.06
N ASN B 96 -19.94 -8.49 -2.81
CA ASN B 96 -19.73 -9.91 -2.59
C ASN B 96 -20.29 -10.34 -1.23
N PHE B 97 -20.64 -9.38 -0.38
CA PHE B 97 -21.18 -9.66 0.94
C PHE B 97 -22.65 -9.28 1.00
N VAL B 98 -22.98 -8.08 0.53
CA VAL B 98 -24.36 -7.58 0.53
C VAL B 98 -24.70 -7.01 -0.84
N PRO B 99 -25.15 -7.87 -1.77
CA PRO B 99 -25.37 -7.50 -3.17
C PRO B 99 -26.50 -6.46 -3.38
N GLU B 100 -27.41 -6.40 -2.42
CA GLU B 100 -28.60 -5.55 -2.52
C GLU B 100 -28.25 -4.06 -2.69
N THR B 101 -27.13 -3.62 -2.14
CA THR B 101 -26.76 -2.22 -2.20
C THR B 101 -26.24 -1.82 -3.57
N GLY B 102 -26.10 -2.78 -4.46
CA GLY B 102 -25.55 -2.50 -5.77
C GLY B 102 -26.38 -1.56 -6.61
N VAL B 103 -27.64 -1.39 -6.26
CA VAL B 103 -28.47 -0.43 -6.95
C VAL B 103 -27.82 0.97 -6.94
N PHE B 104 -27.08 1.30 -5.89
CA PHE B 104 -26.49 2.64 -5.76
C PHE B 104 -25.29 2.81 -6.69
N ASP B 105 -24.78 1.69 -7.21
CA ASP B 105 -23.58 1.69 -8.03
C ASP B 105 -23.92 1.68 -9.52
N ILE B 106 -25.21 1.83 -9.84
CA ILE B 106 -25.65 1.95 -11.25
C ILE B 106 -25.23 3.31 -11.80
N PRO B 107 -24.41 3.31 -12.86
CA PRO B 107 -23.95 4.60 -13.39
C PRO B 107 -25.07 5.56 -13.71
N PHE B 108 -24.91 6.82 -13.30
CA PHE B 108 -25.84 7.91 -13.61
C PHE B 108 -27.19 7.86 -12.89
N LEU B 109 -27.42 6.85 -12.05
CA LEU B 109 -28.66 6.79 -11.31
C LEU B 109 -28.75 7.88 -10.23
N LEU B 110 -27.79 7.87 -9.31
CA LEU B 110 -27.60 9.01 -8.42
C LEU B 110 -26.97 10.15 -9.24
N ARG B 111 -27.60 11.33 -9.25
CA ARG B 111 -27.36 12.32 -10.29
C ARG B 111 -26.22 13.26 -9.92
N ASP B 112 -26.18 13.60 -8.63
CA ASP B 112 -25.25 14.59 -8.11
C ASP B 112 -25.13 14.41 -6.60
N LEU B 113 -24.27 15.21 -5.98
CA LEU B 113 -23.98 15.01 -4.56
C LEU B 113 -25.24 15.18 -3.70
N PRO B 114 -26.03 16.26 -3.91
CA PRO B 114 -27.22 16.38 -3.06
C PRO B 114 -28.21 15.22 -3.25
N HIS B 115 -28.35 14.74 -4.48
CA HIS B 115 -29.27 13.62 -4.73
C HIS B 115 -28.77 12.35 -4.05
N ALA B 116 -27.48 12.08 -4.20
CA ALA B 116 -26.90 10.87 -3.63
C ALA B 116 -27.04 10.87 -2.11
N ARG B 117 -26.72 12.00 -1.49
CA ARG B 117 -26.78 12.13 -0.04
C ARG B 117 -28.19 11.96 0.49
N ALA B 118 -29.13 12.59 -0.20
CA ALA B 118 -30.52 12.45 0.17
C ALA B 118 -30.99 11.01 0.10
N VAL B 119 -30.64 10.32 -0.98
CA VAL B 119 -31.04 8.91 -1.10
C VAL B 119 -30.41 8.08 0.02
N LEU B 120 -29.12 8.24 0.25
CA LEU B 120 -28.47 7.39 1.23
C LEU B 120 -28.94 7.68 2.66
N ASP B 121 -29.27 8.94 2.96
CA ASP B 121 -29.76 9.30 4.29
C ASP B 121 -31.24 8.98 4.52
N SER B 122 -31.98 8.81 3.43
CA SER B 122 -33.40 8.44 3.47
C SER B 122 -33.60 7.01 3.93
N LYS B 123 -34.85 6.58 4.08
CA LYS B 123 -35.14 5.21 4.48
C LYS B 123 -34.59 4.21 3.45
N ILE B 124 -34.48 4.62 2.19
CA ILE B 124 -33.90 3.73 1.18
C ILE B 124 -32.48 3.33 1.59
N GLY B 125 -31.63 4.31 1.85
CA GLY B 125 -30.28 4.01 2.27
C GLY B 125 -30.22 3.39 3.64
N GLN B 126 -31.05 3.85 4.56
CA GLN B 126 -30.94 3.34 5.93
C GLN B 126 -31.38 1.87 6.03
N ASP B 127 -32.38 1.48 5.23
CA ASP B 127 -32.82 0.09 5.18
C ASP B 127 -31.71 -0.83 4.66
N MET B 128 -30.88 -0.32 3.75
CA MET B 128 -29.75 -1.10 3.25
C MET B 128 -28.71 -1.36 4.32
N LEU B 129 -28.46 -0.38 5.20
CA LEU B 129 -27.51 -0.60 6.30
C LEU B 129 -27.98 -1.78 7.15
N ALA B 130 -29.29 -1.97 7.25
CA ALA B 130 -29.85 -3.06 8.06
C ALA B 130 -29.64 -4.46 7.49
N LYS B 131 -29.15 -4.57 6.26
CA LYS B 131 -28.91 -5.88 5.66
C LYS B 131 -27.54 -6.46 6.05
N PHE B 132 -26.69 -5.63 6.64
CA PHE B 132 -25.34 -6.06 6.95
C PHE B 132 -25.17 -7.05 8.12
N PRO B 133 -25.94 -6.92 9.21
CA PRO B 133 -25.66 -7.80 10.37
C PRO B 133 -25.84 -9.29 10.12
N ASP B 134 -26.64 -9.66 9.14
CA ASP B 134 -26.80 -11.07 8.79
C ASP B 134 -25.48 -11.62 8.26
N ARG B 135 -24.57 -10.71 7.92
CA ARG B 135 -23.26 -11.08 7.38
C ARG B 135 -22.13 -10.78 8.37
N GLY B 136 -22.48 -10.55 9.63
CA GLY B 136 -21.47 -10.40 10.65
C GLY B 136 -20.86 -9.01 10.66
N ILE B 137 -21.53 -8.07 10.01
CA ILE B 137 -21.01 -6.72 9.88
C ILE B 137 -22.06 -5.74 10.34
N ILE B 138 -21.65 -4.76 11.11
CA ILE B 138 -22.54 -3.64 11.40
C ILE B 138 -22.18 -2.46 10.50
N ALA B 139 -23.16 -1.96 9.72
CA ALA B 139 -22.92 -0.81 8.88
C ALA B 139 -23.45 0.42 9.61
N LEU B 140 -22.53 1.19 10.20
CA LEU B 140 -22.88 2.33 11.06
C LEU B 140 -23.38 3.55 10.26
N ALA B 141 -22.83 3.77 9.06
CA ALA B 141 -23.21 4.94 8.29
C ALA B 141 -22.73 4.83 6.84
N TRP B 142 -23.45 5.51 5.96
CA TRP B 142 -22.99 5.78 4.61
C TRP B 142 -22.08 7.01 4.58
N GLY B 143 -20.79 6.81 4.35
CA GLY B 143 -19.90 7.90 4.01
C GLY B 143 -19.79 8.10 2.51
N GLU B 144 -18.68 8.67 2.05
CA GLU B 144 -18.61 9.18 0.70
C GLU B 144 -17.18 9.28 0.16
N GLN B 145 -17.04 9.04 -1.15
CA GLN B 145 -15.80 9.37 -1.86
C GLN B 145 -16.04 10.44 -2.92
N GLY B 146 -17.26 10.50 -3.46
CA GLY B 146 -17.56 11.39 -4.56
C GLY B 146 -17.77 10.67 -5.88
N PHE B 147 -18.03 11.44 -6.94
CA PHE B 147 -18.25 10.87 -8.26
C PHE B 147 -16.95 10.37 -8.89
N ARG B 148 -17.00 9.16 -9.43
CA ARG B 148 -15.84 8.51 -10.05
C ARG B 148 -15.62 9.02 -11.48
N HIS B 149 -14.35 9.18 -11.86
CA HIS B 149 -13.95 9.68 -13.18
C HIS B 149 -12.95 8.73 -13.84
N LEU B 150 -12.92 8.71 -15.18
CA LEU B 150 -12.05 7.84 -15.96
C LEU B 150 -10.65 8.47 -16.16
N THR B 151 -9.59 7.73 -15.83
CA THR B 151 -8.23 8.16 -16.17
C THR B 151 -7.58 7.11 -17.10
N ASN B 152 -6.61 7.52 -17.90
CA ASN B 152 -5.86 6.55 -18.68
C ASN B 152 -4.53 7.11 -19.19
N ASN B 153 -3.71 6.25 -19.76
CA ASN B 153 -2.41 6.64 -20.29
C ASN B 153 -2.31 6.65 -21.82
N VAL B 154 -3.38 6.28 -22.49
CA VAL B 154 -3.32 6.11 -23.93
C VAL B 154 -3.68 7.37 -24.70
N ARG B 155 -4.85 7.92 -24.43
CA ARG B 155 -5.35 9.06 -25.18
C ARG B 155 -6.41 9.82 -24.41
N PRO B 156 -6.64 11.09 -24.78
CA PRO B 156 -7.75 11.84 -24.20
C PRO B 156 -9.07 11.15 -24.53
N VAL B 157 -9.98 11.13 -23.58
CA VAL B 157 -11.28 10.53 -23.82
C VAL B 157 -12.32 11.64 -23.72
N LYS B 158 -12.89 12.02 -24.86
CA LYS B 158 -13.87 13.09 -24.91
C LYS B 158 -15.28 12.57 -25.19
N THR B 159 -15.36 11.40 -25.83
CA THR B 159 -16.64 10.79 -26.18
C THR B 159 -16.61 9.30 -25.82
N PRO B 160 -17.77 8.65 -25.76
CA PRO B 160 -17.74 7.21 -25.51
C PRO B 160 -16.95 6.43 -26.56
N ALA B 161 -16.97 6.88 -27.82
CA ALA B 161 -16.18 6.22 -28.85
C ALA B 161 -14.68 6.23 -28.51
N ASP B 162 -14.19 7.32 -27.90
CA ASP B 162 -12.78 7.41 -27.54
C ASP B 162 -12.39 6.37 -26.50
N ALA B 163 -13.35 5.93 -25.68
CA ALA B 163 -13.01 5.00 -24.59
C ALA B 163 -13.01 3.54 -25.02
N LYS B 164 -13.62 3.25 -26.18
CA LYS B 164 -13.72 1.88 -26.67
C LYS B 164 -12.36 1.21 -26.76
N GLY B 165 -12.26 0.00 -26.23
CA GLY B 165 -11.04 -0.77 -26.34
C GLY B 165 -10.00 -0.52 -25.26
N LEU B 166 -10.19 0.51 -24.45
CA LEU B 166 -9.22 0.76 -23.39
C LEU B 166 -9.30 -0.29 -22.30
N LYS B 167 -8.14 -0.71 -21.81
CA LYS B 167 -8.06 -1.66 -20.73
C LYS B 167 -8.09 -0.91 -19.39
N ILE B 168 -9.27 -0.87 -18.79
CA ILE B 168 -9.49 -0.09 -17.60
C ILE B 168 -9.72 -1.00 -16.41
N ARG B 169 -8.91 -0.86 -15.37
CA ARG B 169 -9.18 -1.53 -14.10
C ARG B 169 -10.48 -1.03 -13.47
N THR B 170 -11.30 -1.97 -12.98
CA THR B 170 -12.46 -1.67 -12.17
C THR B 170 -12.27 -2.29 -10.80
N THR B 171 -13.08 -1.85 -9.86
CA THR B 171 -13.23 -2.56 -8.61
C THR B 171 -13.91 -3.90 -8.87
N GLU B 172 -14.11 -4.66 -7.79
CA GLU B 172 -14.70 -5.99 -7.83
C GLU B 172 -16.20 -5.83 -7.66
N ASN B 173 -16.75 -4.94 -8.45
CA ASN B 173 -18.15 -4.57 -8.36
C ASN B 173 -18.81 -4.93 -9.69
N PRO B 174 -19.62 -5.99 -9.69
CA PRO B 174 -20.20 -6.46 -10.97
C PRO B 174 -21.08 -5.43 -11.69
N ILE B 175 -21.65 -4.50 -10.95
CA ILE B 175 -22.48 -3.45 -11.54
C ILE B 175 -21.63 -2.51 -12.40
N HIS B 176 -20.50 -2.09 -11.86
CA HIS B 176 -19.52 -1.31 -12.63
C HIS B 176 -19.02 -2.09 -13.86
N ILE B 177 -18.71 -3.37 -13.68
CA ILE B 177 -18.19 -4.18 -14.78
C ILE B 177 -19.16 -4.26 -15.96
N THR B 178 -20.42 -4.49 -15.63
CA THR B 178 -21.48 -4.60 -16.59
C THR B 178 -21.60 -3.31 -17.37
N ALA B 179 -21.58 -2.19 -16.66
CA ALA B 179 -21.66 -0.87 -17.30
C ALA B 179 -20.49 -0.62 -18.26
N PHE B 180 -19.28 -0.97 -17.84
CA PHE B 180 -18.12 -0.67 -18.68
C PHE B 180 -18.12 -1.56 -19.91
N ARG B 181 -18.51 -2.82 -19.76
CA ARG B 181 -18.59 -3.72 -20.91
C ARG B 181 -19.64 -3.21 -21.88
N GLN B 182 -20.67 -2.55 -21.37
CA GLN B 182 -21.73 -2.08 -22.25
C GLN B 182 -21.24 -0.96 -23.16
N ILE B 183 -20.31 -0.13 -22.68
CA ILE B 183 -19.80 0.94 -23.53
C ILE B 183 -18.50 0.61 -24.26
N GLY B 184 -18.04 -0.65 -24.18
CA GLY B 184 -16.97 -1.12 -25.03
C GLY B 184 -15.58 -0.98 -24.44
N ILE B 185 -15.51 -0.62 -23.17
CA ILE B 185 -14.27 -0.64 -22.40
C ILE B 185 -14.00 -2.09 -22.09
N LEU B 186 -12.73 -2.43 -21.90
CA LEU B 186 -12.35 -3.78 -21.48
C LEU B 186 -12.02 -3.74 -20.01
N PRO B 187 -13.03 -3.95 -19.17
CA PRO B 187 -12.77 -3.86 -17.74
C PRO B 187 -12.07 -5.08 -17.18
N THR B 188 -11.13 -4.83 -16.27
CA THR B 188 -10.40 -5.84 -15.56
C THR B 188 -10.61 -5.60 -14.05
N PRO B 189 -11.44 -6.41 -13.37
CA PRO B 189 -11.52 -6.14 -11.94
C PRO B 189 -10.22 -6.51 -11.20
N MET B 190 -9.79 -5.62 -10.32
CA MET B 190 -8.58 -5.82 -9.53
C MET B 190 -8.71 -5.11 -8.20
N ALA B 191 -8.27 -5.79 -7.14
CA ALA B 191 -8.24 -5.18 -5.82
C ALA B 191 -7.26 -4.01 -5.81
N TRP B 192 -7.48 -3.09 -4.90
CA TRP B 192 -6.73 -1.84 -4.90
C TRP B 192 -5.20 -2.01 -4.78
N PRO B 193 -4.73 -2.90 -3.92
CA PRO B 193 -3.26 -3.01 -3.81
C PRO B 193 -2.56 -3.42 -5.10
N GLU B 194 -3.28 -3.94 -6.08
CA GLU B 194 -2.68 -4.33 -7.36
C GLU B 194 -2.52 -3.16 -8.35
N VAL B 195 -3.20 -2.04 -8.11
CA VAL B 195 -3.43 -1.06 -9.18
C VAL B 195 -2.17 -0.24 -9.56
N ALA B 196 -1.43 0.27 -8.59
CA ALA B 196 -0.26 1.07 -8.90
C ALA B 196 0.76 0.28 -9.69
N THR B 197 1.02 -0.95 -9.25
CA THR B 197 1.97 -1.80 -9.94
C THR B 197 1.51 -2.07 -11.40
N ALA B 198 0.21 -2.39 -11.61
CA ALA B 198 -0.31 -2.69 -12.95
C ALA B 198 -0.25 -1.48 -13.87
N LEU B 199 -0.50 -0.30 -13.32
CA LEU B 199 -0.41 0.90 -14.13
C LEU B 199 1.02 1.13 -14.58
N GLN B 200 1.98 0.95 -13.67
CA GLN B 200 3.41 1.11 -14.02
C GLN B 200 3.86 0.07 -15.05
N GLN B 201 3.41 -1.18 -14.90
CA GLN B 201 3.77 -2.25 -15.83
C GLN B 201 3.08 -2.10 -17.18
N GLY B 202 1.99 -1.34 -17.20
CA GLY B 202 1.24 -1.09 -18.40
C GLY B 202 0.33 -2.25 -18.81
N THR B 203 -0.02 -3.12 -17.86
CA THR B 203 -0.87 -4.25 -18.16
C THR B 203 -2.33 -3.81 -18.20
N ILE B 204 -2.58 -2.62 -17.65
CA ILE B 204 -3.84 -1.92 -17.81
C ILE B 204 -3.52 -0.50 -18.25
N ASP B 205 -4.45 0.13 -18.97
CA ASP B 205 -4.25 1.47 -19.50
C ASP B 205 -4.70 2.53 -18.52
N GLY B 206 -5.66 2.17 -17.68
CA GLY B 206 -6.24 3.15 -16.78
C GLY B 206 -7.09 2.58 -15.67
N GLN B 207 -7.86 3.45 -15.02
CA GLN B 207 -8.68 3.08 -13.87
C GLN B 207 -9.72 4.17 -13.76
N GLU B 208 -10.56 4.09 -12.73
CA GLU B 208 -11.55 5.12 -12.48
C GLU B 208 -11.77 5.30 -10.99
N ASN B 209 -11.85 6.56 -10.58
CA ASN B 209 -12.00 6.90 -9.17
C ASN B 209 -12.34 8.39 -9.03
N PRO B 210 -12.80 8.82 -7.83
CA PRO B 210 -13.13 10.24 -7.65
C PRO B 210 -11.88 11.10 -7.48
N LEU B 211 -12.08 12.40 -7.54
CA LEU B 211 -11.01 13.36 -7.38
C LEU B 211 -10.32 13.13 -6.03
N SER B 212 -11.12 12.79 -5.02
CA SER B 212 -10.56 12.55 -3.70
C SER B 212 -9.47 11.48 -3.73
N VAL B 213 -9.68 10.42 -4.49
CA VAL B 213 -8.70 9.33 -4.60
C VAL B 213 -7.57 9.68 -5.59
N ILE B 214 -7.91 10.29 -6.71
CA ILE B 214 -6.92 10.56 -7.74
C ILE B 214 -5.86 11.48 -7.15
N THR B 215 -6.28 12.46 -6.35
CA THR B 215 -5.34 13.35 -5.70
C THR B 215 -4.57 12.61 -4.56
N SER B 216 -5.29 12.05 -3.61
N SER B 216 -5.29 12.04 -3.60
CA SER B 216 -4.66 11.50 -2.42
CA SER B 216 -4.65 11.51 -2.39
C SER B 216 -3.72 10.33 -2.72
C SER B 216 -3.75 10.30 -2.68
N ALA B 217 -4.08 9.52 -3.71
CA ALA B 217 -3.29 8.35 -4.08
C ALA B 217 -2.21 8.59 -5.14
N LYS B 218 -2.00 9.85 -5.50
CA LYS B 218 -0.84 10.23 -6.31
C LYS B 218 -0.97 9.70 -7.75
N LEU B 219 -2.21 9.52 -8.21
CA LEU B 219 -2.44 8.89 -9.51
C LEU B 219 -1.97 9.74 -10.68
N SER B 220 -1.75 11.05 -10.50
CA SER B 220 -1.20 11.87 -11.58
C SER B 220 0.21 11.36 -11.96
N GLN B 221 0.86 10.63 -11.07
CA GLN B 221 2.17 10.07 -11.40
C GLN B 221 2.08 8.81 -12.26
N LEU B 222 0.88 8.26 -12.36
CA LEU B 222 0.65 6.98 -13.00
C LEU B 222 -0.28 7.09 -14.18
N GLN B 223 -0.89 8.26 -14.35
CA GLN B 223 -1.94 8.49 -15.36
C GLN B 223 -1.77 9.85 -16.01
N LYS B 224 -1.80 9.90 -17.34
CA LYS B 224 -1.63 11.16 -18.05
C LYS B 224 -2.92 11.94 -18.25
N TYR B 225 -4.01 11.22 -18.43
CA TYR B 225 -5.26 11.81 -18.89
C TYR B 225 -6.38 11.56 -17.88
N LEU B 226 -7.21 12.59 -17.69
CA LEU B 226 -8.39 12.52 -16.81
C LEU B 226 -9.57 13.07 -17.59
N SER B 227 -10.65 12.31 -17.62
CA SER B 227 -11.92 12.78 -18.20
C SER B 227 -12.92 12.85 -17.08
N LEU B 228 -13.62 13.98 -16.97
CA LEU B 228 -14.56 14.21 -15.90
C LEU B 228 -15.92 13.60 -16.27
N THR B 229 -15.90 12.30 -16.49
CA THR B 229 -17.12 11.55 -16.78
C THR B 229 -18.14 11.52 -15.65
N GLY B 230 -17.69 11.48 -14.40
CA GLY B 230 -18.60 11.49 -13.26
C GLY B 230 -19.64 10.38 -13.43
N HIS B 231 -19.17 9.20 -13.84
CA HIS B 231 -20.08 8.18 -14.35
C HIS B 231 -20.85 7.49 -13.24
N VAL B 232 -20.34 7.52 -12.00
CA VAL B 232 -21.09 6.96 -10.90
C VAL B 232 -20.64 7.59 -9.58
N TYR B 233 -21.61 7.82 -8.70
CA TYR B 233 -21.34 8.20 -7.33
C TYR B 233 -20.62 7.05 -6.62
N GLY B 234 -19.55 7.39 -5.92
CA GLY B 234 -18.81 6.48 -5.07
C GLY B 234 -19.16 6.65 -3.60
N PRO B 235 -20.01 5.77 -3.05
CA PRO B 235 -20.25 5.80 -1.60
C PRO B 235 -19.07 5.22 -0.83
N ALA B 236 -19.06 5.42 0.48
CA ALA B 236 -18.20 4.65 1.37
C ALA B 236 -19.08 4.16 2.50
N LEU B 237 -18.63 3.13 3.19
CA LEU B 237 -19.33 2.57 4.33
C LEU B 237 -18.44 2.61 5.57
N VAL B 238 -18.98 3.09 6.68
CA VAL B 238 -18.33 2.99 7.98
C VAL B 238 -18.82 1.71 8.61
N LEU B 239 -17.92 0.74 8.83
CA LEU B 239 -18.32 -0.61 9.23
C LEU B 239 -17.70 -1.00 10.56
N MET B 240 -18.36 -1.92 11.26
CA MET B 240 -17.86 -2.42 12.52
C MET B 240 -18.07 -3.91 12.61
N SER B 241 -17.19 -4.59 13.34
CA SER B 241 -17.39 -6.02 13.58
C SER B 241 -18.64 -6.29 14.42
N ALA B 242 -19.54 -7.13 13.93
CA ALA B 242 -20.74 -7.43 14.71
C ALA B 242 -20.36 -8.14 16.01
N ASN B 243 -19.35 -8.99 15.94
CA ASN B 243 -18.98 -9.72 17.13
C ASN B 243 -18.53 -8.81 18.28
N VAL B 244 -17.91 -7.68 17.95
CA VAL B 244 -17.54 -6.66 18.93
C VAL B 244 -18.77 -5.83 19.37
N TYR B 245 -19.51 -5.31 18.40
CA TYR B 245 -20.69 -4.48 18.66
C TYR B 245 -21.77 -5.21 19.44
N ASN B 246 -21.99 -6.48 19.15
CA ASN B 246 -23.11 -7.20 19.75
C ASN B 246 -22.96 -7.42 21.24
N GLY B 247 -21.72 -7.37 21.72
CA GLY B 247 -21.46 -7.50 23.15
C GLY B 247 -21.42 -6.18 23.90
N LEU B 248 -21.93 -5.11 23.30
CA LEU B 248 -21.90 -3.79 23.93
C LEU B 248 -23.25 -3.41 24.51
N SER B 249 -23.23 -2.45 25.42
CA SER B 249 -24.45 -1.94 26.06
C SER B 249 -25.22 -1.15 25.02
N ASP B 250 -26.52 -0.98 25.23
CA ASP B 250 -27.31 -0.18 24.28
C ASP B 250 -26.74 1.23 24.12
N ALA B 251 -26.31 1.82 25.22
CA ALA B 251 -25.76 3.18 25.22
C ALA B 251 -24.48 3.22 24.41
N GLU B 252 -23.65 2.19 24.54
CA GLU B 252 -22.41 2.18 23.76
C GLU B 252 -22.71 1.94 22.30
N LYS B 253 -23.68 1.08 22.01
CA LYS B 253 -24.07 0.91 20.61
C LYS B 253 -24.45 2.24 20.03
N ALA B 254 -25.21 3.03 20.78
CA ALA B 254 -25.66 4.31 20.27
C ALA B 254 -24.48 5.25 20.03
N SER B 255 -23.44 5.15 20.85
CA SER B 255 -22.27 6.02 20.70
C SER B 255 -21.50 5.67 19.43
N PHE B 256 -21.44 4.37 19.12
CA PHE B 256 -20.76 3.96 17.90
C PHE B 256 -21.53 4.42 16.67
N LYS B 257 -22.86 4.37 16.73
CA LYS B 257 -23.66 4.86 15.64
C LYS B 257 -23.45 6.35 15.46
N ALA B 258 -23.39 7.10 16.56
CA ALA B 258 -23.14 8.54 16.47
C ALA B 258 -21.78 8.85 15.87
N ALA B 259 -20.79 8.04 16.21
CA ALA B 259 -19.43 8.22 15.69
C ALA B 259 -19.39 7.96 14.18
N GLY B 260 -20.15 6.98 13.72
CA GLY B 260 -20.26 6.69 12.31
C GLY B 260 -20.85 7.85 11.56
N LYS B 261 -21.91 8.44 12.12
CA LYS B 261 -22.49 9.64 11.51
C LYS B 261 -21.48 10.79 11.44
N ASP B 262 -20.75 11.04 12.53
CA ASP B 262 -19.74 12.10 12.52
C ASP B 262 -18.69 11.83 11.42
N SER B 263 -18.26 10.58 11.33
CA SER B 263 -17.30 10.14 10.32
C SER B 263 -17.83 10.41 8.89
N ALA B 264 -19.07 10.01 8.61
CA ALA B 264 -19.72 10.30 7.33
C ALA B 264 -19.76 11.79 7.03
N GLN B 265 -20.12 12.60 8.03
CA GLN B 265 -20.19 14.03 7.80
C GLN B 265 -18.80 14.61 7.49
N ALA B 266 -17.77 14.11 8.17
CA ALA B 266 -16.40 14.55 7.91
C ALA B 266 -15.98 14.21 6.47
N MET B 267 -16.32 13.03 5.99
CA MET B 267 -15.98 12.65 4.62
C MET B 267 -16.67 13.54 3.59
N ARG B 268 -17.95 13.83 3.81
CA ARG B 268 -18.70 14.65 2.87
C ARG B 268 -18.09 16.05 2.83
N ALA B 269 -17.65 16.54 3.99
CA ALA B 269 -17.07 17.89 4.03
C ALA B 269 -15.75 17.94 3.26
N TYR B 270 -14.97 16.88 3.42
CA TYR B 270 -13.70 16.73 2.71
C TYR B 270 -13.93 16.69 1.20
N VAL B 271 -14.92 15.91 0.78
CA VAL B 271 -15.24 15.76 -0.63
C VAL B 271 -15.69 17.09 -1.20
N ASP B 272 -16.55 17.83 -0.49
CA ASP B 272 -16.99 19.13 -1.02
C ASP B 272 -15.78 20.01 -1.27
N ASN B 273 -14.80 19.98 -0.39
CA ASN B 273 -13.62 20.80 -0.60
C ASN B 273 -12.75 20.36 -1.79
N ILE B 274 -12.48 19.06 -1.91
CA ILE B 274 -11.64 18.59 -3.02
C ILE B 274 -12.33 18.74 -4.37
N GLU B 275 -13.66 18.72 -4.38
CA GLU B 275 -14.38 19.00 -5.60
C GLU B 275 -14.11 20.45 -6.05
N GLN B 276 -13.85 21.36 -5.10
CA GLN B 276 -13.59 22.75 -5.47
C GLN B 276 -12.16 22.97 -5.99
N THR B 277 -11.20 22.26 -5.41
CA THR B 277 -9.78 22.52 -5.65
C THR B 277 -9.07 21.43 -6.46
N GLY B 278 -9.71 20.29 -6.63
CA GLY B 278 -9.07 19.10 -7.18
C GLY B 278 -8.57 19.16 -8.61
N VAL B 279 -9.38 19.69 -9.51
CA VAL B 279 -8.98 19.73 -10.91
C VAL B 279 -7.74 20.62 -11.11
N GLU B 280 -7.73 21.79 -10.47
CA GLU B 280 -6.60 22.70 -10.56
C GLU B 280 -5.34 22.02 -10.01
N GLN B 281 -5.47 21.32 -8.89
CA GLN B 281 -4.35 20.59 -8.31
C GLN B 281 -3.81 19.55 -9.30
N LEU B 282 -4.69 18.77 -9.92
CA LEU B 282 -4.25 17.76 -10.90
C LEU B 282 -3.61 18.34 -12.16
N LYS B 283 -4.15 19.44 -12.66
CA LYS B 283 -3.50 20.17 -13.76
C LYS B 283 -2.09 20.62 -13.37
N LYS B 284 -1.94 21.08 -12.14
CA LYS B 284 -0.64 21.57 -11.69
C LYS B 284 0.36 20.41 -11.56
N GLU B 285 -0.14 19.22 -11.24
CA GLU B 285 0.69 18.04 -11.18
C GLU B 285 0.99 17.49 -12.58
N GLY B 286 0.35 18.04 -13.60
CA GLY B 286 0.67 17.68 -14.97
C GLY B 286 -0.36 16.84 -15.73
N MET B 287 -1.52 16.59 -15.13
CA MET B 287 -2.56 15.82 -15.83
C MET B 287 -3.22 16.68 -16.90
N GLU B 288 -3.61 16.02 -17.98
CA GLU B 288 -4.36 16.63 -19.05
C GLU B 288 -5.83 16.32 -18.80
N VAL B 289 -6.61 17.35 -18.46
CA VAL B 289 -7.96 17.13 -17.97
C VAL B 289 -8.97 17.54 -19.03
N SER B 290 -9.93 16.67 -19.30
CA SER B 290 -10.98 16.96 -20.26
C SER B 290 -12.38 16.89 -19.64
N GLU B 291 -13.21 17.86 -20.02
CA GLU B 291 -14.65 17.74 -19.77
C GLU B 291 -15.26 16.88 -20.90
N VAL B 292 -16.39 16.26 -20.63
CA VAL B 292 -17.05 15.39 -21.59
C VAL B 292 -18.55 15.72 -21.60
N ASP B 293 -19.24 15.29 -22.64
CA ASP B 293 -20.69 15.35 -22.65
C ASP B 293 -21.18 14.14 -21.87
N ARG B 294 -21.54 14.34 -20.61
CA ARG B 294 -21.95 13.21 -19.79
C ARG B 294 -23.21 12.52 -20.31
N ALA B 295 -24.05 13.24 -21.04
CA ALA B 295 -25.27 12.64 -21.52
C ALA B 295 -24.99 11.54 -22.54
N ALA B 296 -23.91 11.69 -23.31
CA ALA B 296 -23.56 10.66 -24.28
C ALA B 296 -23.12 9.39 -23.56
N PHE B 297 -22.35 9.54 -22.49
CA PHE B 297 -21.97 8.38 -21.67
C PHE B 297 -23.18 7.72 -21.03
N ALA B 298 -24.15 8.52 -20.56
CA ALA B 298 -25.28 7.96 -19.87
C ALA B 298 -26.16 7.18 -20.85
N ALA B 299 -26.33 7.74 -22.06
CA ALA B 299 -27.11 7.07 -23.08
C ALA B 299 -26.45 5.77 -23.49
N ALA B 300 -25.11 5.76 -23.51
CA ALA B 300 -24.33 4.60 -23.92
C ALA B 300 -24.45 3.48 -22.92
N VAL B 301 -24.56 3.83 -21.65
CA VAL B 301 -24.63 2.83 -20.61
C VAL B 301 -26.07 2.32 -20.35
N GLU B 302 -27.09 3.04 -20.83
CA GLU B 302 -28.48 2.72 -20.46
C GLU B 302 -28.92 1.29 -20.75
N PRO B 303 -28.47 0.68 -21.86
CA PRO B 303 -29.02 -0.65 -22.14
C PRO B 303 -28.66 -1.70 -21.09
N ALA B 304 -27.72 -1.38 -20.22
CA ALA B 304 -27.30 -2.24 -19.11
C ALA B 304 -28.42 -2.46 -18.12
N TYR B 305 -29.47 -1.64 -18.19
CA TYR B 305 -30.64 -1.82 -17.34
C TYR B 305 -31.32 -3.15 -17.59
N ALA B 306 -31.11 -3.74 -18.77
CA ALA B 306 -31.64 -5.07 -19.03
C ALA B 306 -31.16 -6.03 -17.96
N GLU B 307 -29.89 -5.87 -17.60
CA GLU B 307 -29.27 -6.66 -16.54
C GLU B 307 -29.66 -6.17 -15.17
N TYR B 308 -29.63 -4.85 -14.97
CA TYR B 308 -29.92 -4.28 -13.65
C TYR B 308 -31.31 -4.66 -13.17
N TYR B 309 -32.28 -4.69 -14.09
CA TYR B 309 -33.64 -4.99 -13.69
C TYR B 309 -33.86 -6.45 -13.33
N LYS B 310 -32.88 -7.30 -13.62
CA LYS B 310 -32.94 -8.69 -13.19
C LYS B 310 -32.42 -8.83 -11.76
N LYS B 311 -31.61 -7.88 -11.32
CA LYS B 311 -31.04 -7.91 -9.97
C LYS B 311 -31.86 -7.08 -9.00
N PHE B 312 -32.41 -5.98 -9.49
CA PHE B 312 -33.02 -4.98 -8.62
C PHE B 312 -34.42 -4.73 -9.08
N ASP B 313 -35.26 -4.40 -8.11
CA ASP B 313 -36.64 -4.09 -8.35
C ASP B 313 -36.81 -2.77 -9.11
N LYS B 314 -37.62 -2.78 -10.17
CA LYS B 314 -37.88 -1.59 -10.97
C LYS B 314 -38.44 -0.43 -10.13
N GLN B 315 -39.33 -0.75 -9.19
CA GLN B 315 -39.93 0.28 -8.37
C GLN B 315 -38.92 0.96 -7.45
N LEU B 316 -37.94 0.20 -6.96
CA LEU B 316 -36.90 0.72 -6.11
C LEU B 316 -36.05 1.73 -6.87
N ILE B 317 -35.73 1.39 -8.11
CA ILE B 317 -35.00 2.27 -8.97
C ILE B 317 -35.80 3.57 -9.23
N GLN B 318 -37.11 3.46 -9.47
CA GLN B 318 -37.93 4.67 -9.62
C GLN B 318 -37.95 5.51 -8.34
N SER B 319 -38.04 4.85 -7.19
CA SER B 319 -38.09 5.56 -5.92
C SER B 319 -36.79 6.32 -5.69
N ILE B 320 -35.67 5.76 -6.15
CA ILE B 320 -34.39 6.43 -6.00
C ILE B 320 -34.37 7.66 -6.89
N ARG B 321 -34.80 7.52 -8.14
CA ARG B 321 -34.82 8.64 -9.07
C ARG B 321 -35.63 9.81 -8.56
N ASP B 322 -36.74 9.49 -7.89
CA ASP B 322 -37.68 10.52 -7.46
C ASP B 322 -37.38 11.07 -6.06
N THR B 323 -36.34 10.57 -5.40
CA THR B 323 -35.96 11.10 -4.09
C THR B 323 -35.44 12.54 -4.26
N LYS B 324 -35.93 13.46 -3.43
CA LYS B 324 -35.62 14.88 -3.53
C LYS B 324 -34.42 15.29 -2.69
N ALA B 325 -33.55 16.09 -3.30
CA ALA B 325 -32.33 16.58 -2.66
C ALA B 325 -32.61 17.73 -1.71
#